data_2Z4T
#
_entry.id   2Z4T
#
_cell.length_a   90.292
_cell.length_b   90.292
_cell.length_c   204.330
_cell.angle_alpha   90.00
_cell.angle_beta   90.00
_cell.angle_gamma   120.00
#
_symmetry.space_group_name_H-M   'P 31 2 1'
#
loop_
_entity.id
_entity.type
_entity.pdbx_description
1 polymer 'Beta-galactoside alpha-2,6-sialyltransferase'
2 branched beta-D-galactopyranose-(1-4)-alpha-D-glucopyranose
3 non-polymer "CYTIDINE-5'-MONOPHOSPHATE"
4 non-polymer GLYCEROL
5 non-polymer 'PHOSPHATE ION'
6 non-polymer 'MAGNESIUM ION'
7 water water
#
_entity_poly.entity_id   1
_entity_poly.type   'polypeptide(L)'
_entity_poly.pdbx_seq_one_letter_code
;MKNFLLLTLILLTACNNSEENTQSIIKNDINKTIIDEEYVNLEPINQSNISFTKHSWVQTCGTQQLLTEQNKESISLSVV
APRLDDDEKYCFDFNGVSNKGEKYITKVTLNVVAPSLEVYVDHASLPTLQQLMDIIKSEEENPTAQRYIAWGRIVPTDEQ
MKELNITSFALINNHTPADLVQEIVKQAQTKHRLNVKLSSNTAHSFDNLVPILKELNSFNNVTVTNIDLYDDGSAEYVNL
YNWRDTLNKTDNLKIGKDYLEDVINGINEDTSNTGTSSVYNWQKLYPANYHFLRKDYLTLEPSLHELRDYIGDSLKQMQW
DGFKKFNSKQQELFLSIVNFDKQKLQNEYNSSNLPNFVFTGTTVWAGNHEREYYAKQQINVINNAINESSPHYLGNSYDL
FFKGHPGGGIINTLIMQNYPSMVDIPSKISFEVLMMTDMLPDAVAGIASSLYFTIPAEKIKFIVFTSTETITDRETALRS
PLVQVMIKLGIVKEENVLFWADLPNCETGVCIAV
;
_entity_poly.pdbx_strand_id   A
#
# COMPACT_ATOMS: atom_id res chain seq x y z
N THR A 22 -47.80 14.62 -21.14
CA THR A 22 -48.65 13.91 -22.13
C THR A 22 -48.09 12.59 -22.72
N GLN A 23 -46.82 12.22 -22.47
CA GLN A 23 -45.71 13.08 -21.99
C GLN A 23 -44.59 13.27 -23.04
N SER A 24 -44.66 14.39 -23.75
CA SER A 24 -43.57 14.90 -24.58
C SER A 24 -42.66 15.83 -23.75
N ILE A 25 -42.69 15.64 -22.43
CA ILE A 25 -41.85 16.38 -21.50
C ILE A 25 -40.45 15.78 -21.51
N ILE A 26 -39.44 16.62 -21.65
CA ILE A 26 -38.07 16.14 -21.75
C ILE A 26 -37.49 15.95 -20.36
N LYS A 27 -37.19 14.70 -20.03
CA LYS A 27 -36.78 14.31 -18.70
C LYS A 27 -35.28 14.19 -18.59
N ASN A 28 -34.75 14.46 -17.40
CA ASN A 28 -33.34 14.33 -17.09
C ASN A 28 -33.20 14.04 -15.60
N ASP A 29 -32.11 13.39 -15.20
CA ASP A 29 -31.90 13.00 -13.83
C ASP A 29 -30.44 13.21 -13.51
N ILE A 30 -30.17 13.99 -12.46
CA ILE A 30 -28.80 14.20 -12.03
C ILE A 30 -28.66 13.73 -10.59
N ASN A 31 -27.62 12.94 -10.34
CA ASN A 31 -27.31 12.42 -9.03
C ASN A 31 -25.86 12.76 -8.70
N LYS A 32 -25.61 13.30 -7.51
CA LYS A 32 -24.27 13.69 -7.09
CA LYS A 32 -24.25 13.66 -7.11
C LYS A 32 -24.02 13.44 -5.62
N THR A 33 -22.74 13.27 -5.27
CA THR A 33 -22.26 13.20 -3.90
C THR A 33 -21.04 14.10 -3.86
N ILE A 34 -20.65 14.84 -2.83
CA ILE A 34 -21.09 16.04 -2.10
C ILE A 34 -20.94 15.91 -0.61
N ILE A 35 -19.99 16.70 -0.11
CA ILE A 35 -19.69 16.78 1.32
C ILE A 35 -20.25 18.05 1.91
N ASP A 36 -20.40 18.05 3.25
CA ASP A 36 -20.89 19.21 3.99
C ASP A 36 -20.22 20.48 3.50
N GLU A 37 -21.02 21.50 3.22
CA GLU A 37 -20.54 22.86 2.87
C GLU A 37 -19.98 22.97 1.47
N GLU A 38 -20.03 21.87 0.72
CA GLU A 38 -19.59 21.91 -0.65
C GLU A 38 -20.58 22.73 -1.48
N TYR A 39 -20.01 23.61 -2.31
CA TYR A 39 -20.73 24.39 -3.28
C TYR A 39 -21.00 23.55 -4.52
N VAL A 40 -22.22 23.68 -5.05
CA VAL A 40 -22.62 22.94 -6.23
C VAL A 40 -23.27 23.92 -7.19
N ASN A 41 -22.87 23.82 -8.44
CA ASN A 41 -23.56 24.50 -9.51
C ASN A 41 -23.83 23.54 -10.67
N LEU A 42 -25.11 23.24 -10.89
CA LEU A 42 -25.51 22.21 -11.86
C LEU A 42 -26.48 22.73 -12.89
N GLU A 43 -26.18 22.42 -14.15
CA GLU A 43 -27.06 22.73 -15.26
C GLU A 43 -28.14 21.67 -15.30
N PRO A 44 -29.42 22.06 -15.39
CA PRO A 44 -30.51 21.09 -15.38
C PRO A 44 -30.69 20.32 -16.69
N ILE A 45 -30.23 20.92 -17.79
CA ILE A 45 -30.58 20.52 -19.15
C ILE A 45 -29.31 20.29 -19.98
N ASN A 46 -29.38 19.46 -21.01
CA ASN A 46 -28.27 19.35 -21.99
C ASN A 46 -28.57 19.73 -23.46
N GLN A 47 -29.53 20.62 -23.70
CA GLN A 47 -29.98 20.92 -25.08
C GLN A 47 -29.37 22.18 -25.72
N SER A 48 -28.54 22.91 -24.98
CA SER A 48 -27.50 23.80 -25.59
C SER A 48 -27.05 25.12 -24.90
N ASN A 49 -27.58 26.33 -25.17
CA ASN A 49 -28.94 26.79 -25.60
C ASN A 49 -29.84 26.17 -26.70
N ILE A 50 -31.18 26.26 -26.58
CA ILE A 50 -32.02 26.38 -25.32
C ILE A 50 -32.22 27.70 -24.51
N SER A 51 -33.43 28.26 -24.57
CA SER A 51 -33.80 29.50 -23.87
C SER A 51 -35.19 29.39 -23.17
N PHE A 52 -35.26 29.72 -21.88
CA PHE A 52 -36.46 29.46 -21.08
C PHE A 52 -37.37 30.67 -20.83
N THR A 53 -38.67 30.46 -21.01
CA THR A 53 -39.66 31.49 -20.75
C THR A 53 -40.02 31.59 -19.25
N LYS A 54 -40.46 30.46 -18.67
CA LYS A 54 -40.73 30.24 -17.26
C LYS A 54 -39.49 29.36 -17.03
N HIS A 55 -38.89 29.29 -15.83
CA HIS A 55 -38.91 28.13 -14.98
C HIS A 55 -39.15 28.19 -13.46
N SER A 56 -38.87 27.04 -12.84
CA SER A 56 -38.94 26.87 -11.39
C SER A 56 -37.91 25.86 -10.89
N TRP A 57 -37.29 26.19 -9.76
CA TRP A 57 -36.50 25.25 -8.95
C TRP A 57 -37.17 25.08 -7.58
N VAL A 58 -37.28 23.84 -7.13
CA VAL A 58 -37.98 23.56 -5.88
C VAL A 58 -37.25 22.48 -5.07
N GLN A 59 -36.95 22.81 -3.81
CA GLN A 59 -36.43 21.78 -2.93
C GLN A 59 -37.56 20.85 -2.56
N THR A 60 -37.29 19.58 -2.73
CA THR A 60 -38.31 18.60 -2.83
C THR A 60 -38.12 17.49 -1.77
N CYS A 61 -36.92 17.39 -1.21
CA CYS A 61 -36.68 16.56 -0.07
C CYS A 61 -35.45 17.09 0.63
N GLY A 62 -35.27 16.71 1.89
CA GLY A 62 -34.14 17.18 2.69
C GLY A 62 -34.65 18.05 3.81
N THR A 63 -34.01 17.97 4.97
CA THR A 63 -34.54 18.69 6.09
C THR A 63 -34.13 20.19 6.15
N GLN A 64 -32.86 20.52 6.02
CA GLN A 64 -32.46 21.92 5.99
C GLN A 64 -32.84 22.57 4.65
N GLN A 65 -33.31 23.81 4.72
CA GLN A 65 -33.72 24.57 3.53
C GLN A 65 -32.49 25.19 2.87
N LEU A 66 -32.26 24.86 1.60
CA LEU A 66 -31.02 25.26 0.93
C LEU A 66 -31.21 26.30 -0.17
N LEU A 67 -32.44 26.45 -0.63
CA LEU A 67 -32.76 27.36 -1.74
C LEU A 67 -33.17 28.78 -1.26
N THR A 68 -32.27 29.74 -1.46
CA THR A 68 -32.38 31.05 -0.80
C THR A 68 -33.03 32.18 -1.63
N GLU A 69 -34.04 31.86 -2.44
CA GLU A 69 -34.84 32.85 -3.21
C GLU A 69 -34.22 33.49 -4.46
N GLN A 70 -32.97 33.97 -4.38
CA GLN A 70 -32.27 34.40 -5.60
C GLN A 70 -31.56 33.21 -6.27
N ASN A 71 -31.41 32.13 -5.49
CA ASN A 71 -31.06 30.81 -6.02
C ASN A 71 -32.07 30.41 -7.11
N LYS A 72 -33.33 30.33 -6.69
CA LYS A 72 -34.42 29.93 -7.55
C LYS A 72 -34.48 30.64 -8.92
N GLU A 73 -33.92 31.86 -9.00
CA GLU A 73 -34.08 32.71 -10.19
C GLU A 73 -33.06 32.52 -11.33
N SER A 74 -32.05 31.69 -11.11
CA SER A 74 -31.13 31.34 -12.18
C SER A 74 -31.47 29.94 -12.68
N ILE A 75 -31.14 29.64 -13.94
CA ILE A 75 -31.52 28.34 -14.51
C ILE A 75 -30.60 27.21 -14.04
N SER A 76 -29.32 27.49 -13.88
CA SER A 76 -28.47 26.51 -13.22
C SER A 76 -28.69 26.52 -11.71
N LEU A 77 -28.60 25.35 -11.09
CA LEU A 77 -28.84 25.18 -9.66
C LEU A 77 -27.60 25.51 -8.84
N SER A 78 -27.72 26.49 -7.97
CA SER A 78 -26.62 26.87 -7.11
C SER A 78 -26.99 26.70 -5.63
N VAL A 79 -26.29 25.80 -4.94
CA VAL A 79 -26.52 25.54 -3.52
C VAL A 79 -25.25 25.13 -2.78
N VAL A 80 -25.26 25.38 -1.48
CA VAL A 80 -24.18 24.99 -0.61
C VAL A 80 -24.73 23.84 0.23
N ALA A 81 -24.02 22.73 0.29
CA ALA A 81 -24.44 21.60 1.12
C ALA A 81 -24.43 22.07 2.56
N PRO A 82 -25.37 21.57 3.39
CA PRO A 82 -25.47 22.03 4.77
C PRO A 82 -24.41 21.39 5.65
N ARG A 83 -24.29 21.87 6.89
CA ARG A 83 -23.49 21.22 7.92
C ARG A 83 -24.39 20.20 8.57
N LEU A 84 -23.94 18.96 8.66
CA LEU A 84 -24.81 17.88 9.15
C LEU A 84 -24.14 17.06 10.24
N ASP A 85 -24.96 16.30 10.96
CA ASP A 85 -24.50 15.31 11.92
C ASP A 85 -24.48 13.92 11.31
N ASP A 86 -25.36 13.70 10.32
CA ASP A 86 -25.56 12.42 9.66
C ASP A 86 -25.83 12.65 8.19
N ASP A 87 -25.21 11.84 7.35
CA ASP A 87 -25.41 11.88 5.91
C ASP A 87 -26.90 11.95 5.60
N GLU A 88 -27.23 12.70 4.54
CA GLU A 88 -28.59 12.98 4.19
C GLU A 88 -28.71 13.35 2.71
N LYS A 89 -29.76 12.81 2.07
CA LYS A 89 -30.09 13.16 0.69
C LYS A 89 -30.96 14.39 0.60
N TYR A 90 -30.65 15.26 -0.36
CA TYR A 90 -31.42 16.47 -0.66
C TYR A 90 -31.91 16.41 -2.11
N CYS A 91 -33.16 16.80 -2.36
CA CYS A 91 -33.76 16.74 -3.69
C CYS A 91 -34.20 18.11 -4.20
N PHE A 92 -34.00 18.33 -5.49
CA PHE A 92 -34.38 19.57 -6.17
C PHE A 92 -35.00 19.23 -7.51
N ASP A 93 -36.17 19.78 -7.77
CA ASP A 93 -36.85 19.53 -9.03
C ASP A 93 -36.87 20.77 -9.89
N PHE A 94 -36.27 20.70 -11.08
CA PHE A 94 -36.32 21.80 -12.06
C PHE A 94 -37.45 21.60 -13.06
N ASN A 95 -38.23 22.65 -13.29
CA ASN A 95 -39.20 22.66 -14.41
C ASN A 95 -38.96 23.87 -15.30
N GLY A 96 -38.99 23.66 -16.61
CA GLY A 96 -38.89 24.76 -17.55
C GLY A 96 -39.75 24.64 -18.80
N VAL A 97 -40.12 25.78 -19.34
CA VAL A 97 -40.73 25.85 -20.65
C VAL A 97 -39.83 26.70 -21.55
N SER A 98 -39.34 26.10 -22.63
CA SER A 98 -38.49 26.85 -23.54
C SER A 98 -39.30 27.90 -24.31
N ASN A 99 -38.60 28.72 -25.07
CA ASN A 99 -39.27 29.67 -25.95
C ASN A 99 -39.95 28.96 -27.14
N LYS A 100 -39.78 27.64 -27.20
CA LYS A 100 -40.16 26.80 -28.33
C LYS A 100 -41.53 26.06 -28.42
N GLY A 101 -42.46 26.10 -27.46
CA GLY A 101 -42.25 26.23 -26.03
C GLY A 101 -42.39 24.80 -25.51
N GLU A 102 -41.25 24.11 -25.43
CA GLU A 102 -41.16 22.74 -24.98
C GLU A 102 -41.07 22.64 -23.45
N LYS A 103 -41.53 21.53 -22.88
CA LYS A 103 -41.50 21.33 -21.42
C LYS A 103 -40.29 20.49 -21.00
N TYR A 104 -39.62 20.93 -19.94
CA TYR A 104 -38.50 20.18 -19.37
C TYR A 104 -38.73 19.94 -17.91
N ILE A 105 -38.29 18.79 -17.46
CA ILE A 105 -38.30 18.45 -16.06
C ILE A 105 -37.01 17.74 -15.78
N THR A 106 -36.31 18.17 -14.73
CA THR A 106 -35.16 17.40 -14.28
C THR A 106 -35.11 17.24 -12.76
N LYS A 107 -34.97 16.00 -12.32
CA LYS A 107 -34.88 15.62 -10.91
C LYS A 107 -33.43 15.51 -10.48
N VAL A 108 -33.06 16.26 -9.45
CA VAL A 108 -31.68 16.31 -8.94
C VAL A 108 -31.61 15.73 -7.54
N THR A 109 -30.65 14.82 -7.33
CA THR A 109 -30.43 14.24 -6.01
C THR A 109 -29.01 14.54 -5.56
N LEU A 110 -28.88 15.16 -4.40
CA LEU A 110 -27.58 15.40 -3.79
C LEU A 110 -27.46 14.51 -2.56
N ASN A 111 -26.53 13.55 -2.64
CA ASN A 111 -26.15 12.74 -1.49
C ASN A 111 -25.07 13.53 -0.75
N VAL A 112 -25.45 14.10 0.40
CA VAL A 112 -24.51 14.82 1.26
C VAL A 112 -23.90 13.86 2.28
N VAL A 113 -22.57 13.76 2.28
CA VAL A 113 -21.86 12.79 3.13
C VAL A 113 -20.78 13.53 3.89
N ALA A 114 -20.38 13.00 5.04
CA ALA A 114 -19.29 13.60 5.83
C ALA A 114 -18.02 13.80 4.99
N PRO A 115 -17.36 14.96 5.13
CA PRO A 115 -16.00 15.12 4.59
C PRO A 115 -15.12 14.01 5.15
N SER A 116 -14.27 13.44 4.31
CA SER A 116 -13.44 12.33 4.74
C SER A 116 -11.99 12.44 4.25
N LEU A 117 -11.11 11.85 5.03
CA LEU A 117 -9.70 11.88 4.76
C LEU A 117 -9.17 10.45 4.89
N GLU A 118 -8.24 10.12 4.00
CA GLU A 118 -7.51 8.87 4.03
C GLU A 118 -6.04 9.21 3.95
N VAL A 119 -5.28 8.78 4.95
CA VAL A 119 -3.84 9.04 5.04
C VAL A 119 -3.05 7.73 4.93
N TYR A 120 -2.03 7.70 4.08
CA TYR A 120 -1.23 6.51 3.84
C TYR A 120 0.26 6.81 3.91
N VAL A 121 0.97 6.13 4.81
CA VAL A 121 2.37 6.43 5.04
C VAL A 121 3.22 5.16 5.00
N ASP A 122 4.27 5.20 4.18
CA ASP A 122 5.23 4.13 4.12
C ASP A 122 6.46 4.53 3.32
N HIS A 123 7.61 4.01 3.73
CA HIS A 123 8.88 4.35 3.10
C HIS A 123 9.41 3.12 2.38
N ALA A 124 8.80 1.96 2.64
CA ALA A 124 9.30 0.67 2.14
C ALA A 124 8.61 0.27 0.83
N SER A 125 8.36 -1.03 0.62
CA SER A 125 7.77 -1.49 -0.66
C SER A 125 6.42 -2.16 -0.48
N LEU A 126 6.38 -3.13 0.42
CA LEU A 126 5.18 -3.93 0.64
C LEU A 126 3.96 -3.09 1.06
N PRO A 127 4.08 -2.31 2.17
CA PRO A 127 2.91 -1.54 2.60
C PRO A 127 2.42 -0.59 1.52
N THR A 128 3.36 0.01 0.80
CA THR A 128 3.04 1.02 -0.19
C THR A 128 2.23 0.40 -1.34
N LEU A 129 2.61 -0.83 -1.70
CA LEU A 129 1.90 -1.57 -2.72
C LEU A 129 0.45 -1.82 -2.28
N GLN A 130 0.26 -2.28 -1.05
CA GLN A 130 -1.08 -2.55 -0.56
C GLN A 130 -1.92 -1.26 -0.43
N GLN A 131 -1.28 -0.18 -0.01
CA GLN A 131 -1.97 1.10 0.14
C GLN A 131 -2.43 1.61 -1.22
N LEU A 132 -1.58 1.47 -2.24
CA LEU A 132 -1.94 1.82 -3.60
C LEU A 132 -3.21 1.12 -4.03
N MET A 133 -3.27 -0.18 -3.79
CA MET A 133 -4.44 -0.95 -4.15
C MET A 133 -5.68 -0.48 -3.38
N ASP A 134 -5.52 -0.10 -2.10
CA ASP A 134 -6.61 0.48 -1.30
C ASP A 134 -7.14 1.81 -1.86
N ILE A 135 -6.24 2.61 -2.43
CA ILE A 135 -6.57 3.93 -2.91
C ILE A 135 -7.42 3.80 -4.16
N ILE A 136 -6.94 3.00 -5.10
CA ILE A 136 -7.65 2.76 -6.34
C ILE A 136 -9.09 2.21 -6.08
N LYS A 137 -9.22 1.22 -5.20
CA LYS A 137 -10.55 0.73 -4.81
C LYS A 137 -11.41 1.85 -4.19
N SER A 138 -10.80 2.68 -3.36
CA SER A 138 -11.51 3.69 -2.63
C SER A 138 -11.97 4.82 -3.57
N GLU A 139 -11.22 5.05 -4.64
CA GLU A 139 -11.59 6.13 -5.53
C GLU A 139 -12.97 5.81 -6.12
N GLU A 140 -13.25 4.52 -6.32
CA GLU A 140 -14.59 4.11 -6.73
C GLU A 140 -15.65 4.15 -5.61
N GLU A 141 -15.35 3.54 -4.46
CA GLU A 141 -16.30 3.42 -3.36
C GLU A 141 -16.56 4.75 -2.65
N ASN A 142 -15.53 5.59 -2.55
CA ASN A 142 -15.60 6.86 -1.83
C ASN A 142 -15.05 8.01 -2.63
N PRO A 143 -15.75 8.40 -3.71
CA PRO A 143 -15.30 9.47 -4.60
C PRO A 143 -14.95 10.80 -3.92
N THR A 144 -15.57 11.11 -2.79
CA THR A 144 -15.36 12.44 -2.19
C THR A 144 -14.28 12.43 -1.12
N ALA A 145 -13.71 11.26 -0.82
CA ALA A 145 -12.56 11.21 0.09
C ALA A 145 -11.36 11.93 -0.49
N GLN A 146 -10.64 12.65 0.36
CA GLN A 146 -9.34 13.26 0.04
C GLN A 146 -8.26 12.28 0.49
N ARG A 147 -7.15 12.24 -0.25
CA ARG A 147 -6.12 11.25 0.03
C ARG A 147 -4.74 11.87 0.14
N TYR A 148 -4.09 11.57 1.25
CA TYR A 148 -2.76 12.08 1.54
C TYR A 148 -1.81 10.89 1.63
N ILE A 149 -0.73 10.97 0.88
CA ILE A 149 0.31 9.95 0.91
C ILE A 149 1.64 10.54 1.34
N ALA A 150 2.45 9.71 1.99
CA ALA A 150 3.85 10.04 2.17
C ALA A 150 4.56 8.74 1.89
N TRP A 151 5.02 8.62 0.64
CA TRP A 151 5.58 7.37 0.11
C TRP A 151 7.03 7.54 -0.30
N GLY A 152 7.81 6.49 -0.15
CA GLY A 152 9.19 6.55 -0.60
C GLY A 152 9.43 6.00 -2.00
N ARG A 153 8.70 4.96 -2.38
CA ARG A 153 9.15 4.12 -3.51
C ARG A 153 8.19 4.08 -4.68
N ILE A 154 7.06 4.76 -4.56
CA ILE A 154 6.19 4.96 -5.69
C ILE A 154 5.88 6.45 -5.75
N VAL A 155 5.97 7.02 -6.93
CA VAL A 155 5.65 8.41 -7.08
C VAL A 155 4.72 8.56 -8.27
N PRO A 156 3.43 8.78 -7.99
CA PRO A 156 2.45 9.00 -9.05
C PRO A 156 2.70 10.35 -9.70
N THR A 157 2.41 10.45 -10.99
CA THR A 157 2.44 11.73 -11.69
C THR A 157 1.35 12.65 -11.14
N ASP A 158 1.39 13.93 -11.52
CA ASP A 158 0.33 14.88 -11.14
C ASP A 158 -1.03 14.43 -11.67
N GLU A 159 -1.03 13.87 -12.88
CA GLU A 159 -2.25 13.39 -13.54
CA GLU A 159 -2.28 13.45 -13.48
C GLU A 159 -2.90 12.30 -12.70
N GLN A 160 -2.08 11.31 -12.33
CA GLN A 160 -2.51 10.17 -11.53
C GLN A 160 -3.03 10.60 -10.17
N MET A 161 -2.28 11.48 -9.50
CA MET A 161 -2.72 12.08 -8.23
C MET A 161 -4.08 12.73 -8.38
N LYS A 162 -4.21 13.57 -9.40
CA LYS A 162 -5.46 14.26 -9.64
C LYS A 162 -6.59 13.24 -9.84
N GLU A 163 -6.32 12.19 -10.58
CA GLU A 163 -7.30 11.15 -10.81
C GLU A 163 -7.72 10.44 -9.53
N LEU A 164 -6.85 10.41 -8.53
CA LEU A 164 -7.14 9.68 -7.30
C LEU A 164 -7.28 10.58 -6.10
N ASN A 165 -7.35 11.89 -6.34
CA ASN A 165 -7.57 12.84 -5.26
C ASN A 165 -6.45 12.81 -4.21
N ILE A 166 -5.22 12.57 -4.68
CA ILE A 166 -4.05 12.46 -3.83
C ILE A 166 -3.33 13.81 -3.72
N THR A 167 -2.94 14.17 -2.50
CA THR A 167 -1.88 15.14 -2.27
C THR A 167 -0.71 14.36 -1.66
N SER A 168 0.50 14.67 -2.11
CA SER A 168 1.70 13.94 -1.72
C SER A 168 2.59 14.74 -0.77
N PHE A 169 3.29 14.06 0.13
CA PHE A 169 4.18 14.73 1.10
C PHE A 169 5.51 13.99 1.21
N ALA A 170 6.60 14.73 1.33
CA ALA A 170 7.91 14.10 1.38
C ALA A 170 8.23 13.56 2.79
N LEU A 171 8.51 12.26 2.88
CA LEU A 171 8.96 11.65 4.14
C LEU A 171 10.22 12.33 4.71
N ILE A 172 10.23 12.58 6.00
CA ILE A 172 11.45 13.01 6.69
C ILE A 172 11.88 11.85 7.58
N ASN A 173 13.14 11.42 7.44
CA ASN A 173 13.65 10.27 8.19
C ASN A 173 12.72 9.06 8.04
N ASN A 174 12.16 8.89 6.85
CA ASN A 174 11.28 7.77 6.51
C ASN A 174 9.92 7.76 7.15
N HIS A 175 9.57 8.86 7.83
CA HIS A 175 8.33 8.93 8.56
C HIS A 175 7.47 10.15 8.19
N THR A 176 6.20 10.06 8.55
CA THR A 176 5.26 11.18 8.54
C THR A 176 5.97 12.50 8.78
N PRO A 177 5.90 13.40 7.79
CA PRO A 177 6.50 14.71 7.94
C PRO A 177 5.58 15.70 8.63
N ALA A 178 6.18 16.71 9.26
CA ALA A 178 5.44 17.78 9.94
C ALA A 178 4.40 18.39 9.03
N ASP A 179 4.74 18.60 7.76
CA ASP A 179 3.80 19.27 6.86
C ASP A 179 2.57 18.41 6.56
N LEU A 180 2.69 17.09 6.65
CA LEU A 180 1.53 16.21 6.51
C LEU A 180 0.62 16.37 7.72
N VAL A 181 1.23 16.39 8.90
CA VAL A 181 0.49 16.56 10.16
C VAL A 181 -0.27 17.90 10.12
N GLN A 182 0.43 18.99 9.81
CA GLN A 182 -0.18 20.32 9.68
CA GLN A 182 -0.24 20.30 9.74
C GLN A 182 -1.37 20.32 8.72
N GLU A 183 -1.20 19.66 7.58
CA GLU A 183 -2.29 19.62 6.62
C GLU A 183 -3.51 18.89 7.18
N ILE A 184 -3.27 17.80 7.91
CA ILE A 184 -4.34 17.09 8.60
C ILE A 184 -5.01 17.99 9.67
N VAL A 185 -4.20 18.75 10.41
CA VAL A 185 -4.74 19.64 11.42
C VAL A 185 -5.65 20.69 10.79
N LYS A 186 -5.23 21.23 9.64
CA LYS A 186 -6.03 22.21 8.94
CA LYS A 186 -6.03 22.21 8.89
C LYS A 186 -7.38 21.63 8.53
N GLN A 187 -7.41 20.37 8.08
CA GLN A 187 -8.69 19.74 7.76
C GLN A 187 -9.61 19.62 8.99
N ALA A 188 -9.01 19.28 10.14
CA ALA A 188 -9.73 19.12 11.40
C ALA A 188 -10.31 20.46 11.85
N GLN A 189 -9.57 21.53 11.57
CA GLN A 189 -9.98 22.87 11.98
C GLN A 189 -11.08 23.42 11.08
N THR A 190 -11.14 22.89 9.87
CA THR A 190 -11.85 23.51 8.76
C THR A 190 -13.12 22.77 8.39
N LYS A 191 -13.15 21.47 8.61
CA LYS A 191 -14.31 20.66 8.27
C LYS A 191 -15.23 20.50 9.46
N HIS A 192 -16.54 20.59 9.24
CA HIS A 192 -17.53 20.52 10.33
CA HIS A 192 -17.34 20.56 10.45
C HIS A 192 -17.50 19.21 11.12
N ARG A 193 -17.50 18.12 10.36
CA ARG A 193 -17.31 16.77 10.90
C ARG A 193 -16.32 16.14 9.90
N LEU A 194 -15.47 15.22 10.36
CA LEU A 194 -14.42 14.63 9.54
C LEU A 194 -14.21 13.16 9.89
N ASN A 195 -14.40 12.30 8.90
CA ASN A 195 -13.98 10.90 8.99
C ASN A 195 -12.54 10.75 8.51
N VAL A 196 -11.69 10.16 9.35
CA VAL A 196 -10.29 9.88 8.98
C VAL A 196 -9.99 8.38 8.99
N LYS A 197 -9.41 7.91 7.89
CA LYS A 197 -8.75 6.60 7.86
C LYS A 197 -7.23 6.78 7.85
N LEU A 198 -6.52 5.93 8.57
CA LEU A 198 -5.07 6.01 8.61
C LEU A 198 -4.49 4.66 8.23
N SER A 199 -3.36 4.71 7.53
CA SER A 199 -2.69 3.51 7.08
C SER A 199 -1.19 3.65 7.20
N SER A 200 -0.55 2.63 7.76
CA SER A 200 0.89 2.66 7.93
C SER A 200 1.54 1.30 7.80
N ASN A 201 2.78 1.34 7.33
CA ASN A 201 3.82 0.37 7.66
C ASN A 201 3.69 -0.04 9.14
N THR A 202 3.58 -1.34 9.40
CA THR A 202 3.34 -1.84 10.75
C THR A 202 4.50 -1.55 11.71
N ALA A 203 5.70 -2.05 11.38
CA ALA A 203 6.90 -1.87 12.22
C ALA A 203 7.16 -0.43 12.58
N HIS A 204 6.80 0.47 11.65
CA HIS A 204 7.02 1.92 11.80
C HIS A 204 5.74 2.71 12.14
N SER A 205 4.69 2.02 12.60
CA SER A 205 3.39 2.66 12.86
C SER A 205 3.57 3.90 13.75
N PHE A 206 4.53 3.90 14.66
CA PHE A 206 4.27 4.31 16.01
C PHE A 206 4.71 5.76 15.59
N ASP A 207 5.90 5.88 14.98
CA ASP A 207 6.44 7.15 14.44
C ASP A 207 5.68 7.74 13.26
N ASN A 208 4.95 6.91 12.52
CA ASN A 208 4.09 7.46 11.47
C ASN A 208 2.75 7.99 12.00
N LEU A 209 2.19 7.34 13.02
CA LEU A 209 0.80 7.62 13.39
C LEU A 209 0.69 8.48 14.61
N VAL A 210 1.59 8.26 15.57
CA VAL A 210 1.55 9.02 16.80
C VAL A 210 1.46 10.53 16.57
N PRO A 211 2.36 11.11 15.74
CA PRO A 211 2.26 12.58 15.62
C PRO A 211 0.93 13.04 15.07
N ILE A 212 0.28 12.20 14.28
CA ILE A 212 -1.03 12.53 13.74
C ILE A 212 -2.09 12.39 14.84
N LEU A 213 -2.05 11.26 15.55
CA LEU A 213 -3.10 10.97 16.51
C LEU A 213 -3.09 11.92 17.71
N LYS A 214 -1.92 12.46 18.05
CA LYS A 214 -1.92 13.35 19.18
C LYS A 214 -2.40 14.75 18.87
N GLU A 215 -2.42 15.11 17.59
CA GLU A 215 -3.09 16.34 17.15
C GLU A 215 -4.59 16.13 17.09
N LEU A 216 -4.99 15.13 16.35
CA LEU A 216 -6.40 14.76 16.16
C LEU A 216 -7.15 14.45 17.46
N ASN A 217 -6.43 13.91 18.45
CA ASN A 217 -7.01 13.55 19.73
C ASN A 217 -7.84 14.67 20.38
N SER A 218 -7.40 15.92 20.24
CA SER A 218 -8.11 17.03 20.85
C SER A 218 -9.29 17.55 20.02
N PHE A 219 -9.48 16.99 18.82
CA PHE A 219 -10.55 17.42 17.91
C PHE A 219 -11.83 16.56 17.95
N ASN A 220 -12.88 17.06 18.59
CA ASN A 220 -14.08 16.26 18.82
C ASN A 220 -14.92 16.03 17.59
N ASN A 221 -14.69 16.84 16.57
CA ASN A 221 -15.39 16.70 15.32
C ASN A 221 -14.76 15.66 14.39
N VAL A 222 -13.60 15.13 14.76
CA VAL A 222 -12.98 14.09 13.91
C VAL A 222 -13.11 12.67 14.44
N THR A 223 -13.52 11.76 13.57
CA THR A 223 -13.62 10.38 13.93
C THR A 223 -12.60 9.56 13.12
N VAL A 224 -11.69 8.91 13.85
CA VAL A 224 -10.77 8.00 13.24
C VAL A 224 -11.52 6.69 13.04
N THR A 225 -11.99 6.46 11.82
CA THR A 225 -12.86 5.30 11.60
C THR A 225 -12.11 3.98 11.47
N ASN A 226 -10.83 4.04 11.08
CA ASN A 226 -10.00 2.83 10.88
C ASN A 226 -8.51 3.14 10.80
N ILE A 227 -7.71 2.24 11.35
CA ILE A 227 -6.27 2.22 11.12
C ILE A 227 -5.90 0.88 10.50
N ASP A 228 -5.30 0.94 9.31
CA ASP A 228 -4.77 -0.23 8.62
C ASP A 228 -3.28 -0.35 8.87
N LEU A 229 -2.84 -1.54 9.22
CA LEU A 229 -1.42 -1.81 9.38
C LEU A 229 -0.96 -2.90 8.39
N TYR A 230 -0.01 -2.53 7.52
CA TYR A 230 0.52 -3.43 6.52
C TYR A 230 1.99 -3.62 6.86
N ASP A 231 2.42 -4.88 6.92
CA ASP A 231 3.81 -5.23 7.27
C ASP A 231 4.83 -4.66 6.30
N ASP A 232 5.91 -4.11 6.85
CA ASP A 232 7.09 -3.75 6.09
C ASP A 232 7.51 -4.95 5.25
N GLY A 233 7.49 -6.13 5.88
CA GLY A 233 7.74 -7.39 5.22
C GLY A 233 8.30 -8.35 6.27
N SER A 234 9.45 -8.94 5.99
CA SER A 234 10.04 -9.90 6.90
C SER A 234 10.45 -9.22 8.21
N ALA A 235 10.71 -7.91 8.15
CA ALA A 235 11.15 -7.15 9.34
C ALA A 235 10.28 -7.38 10.55
N GLU A 236 8.95 -7.37 10.40
CA GLU A 236 8.18 -7.62 11.60
C GLU A 236 8.24 -9.06 12.13
N TYR A 237 8.49 -10.01 11.23
CA TYR A 237 8.63 -11.43 11.59
C TYR A 237 9.93 -11.73 12.35
N VAL A 238 11.02 -11.04 12.01
CA VAL A 238 12.26 -11.10 12.75
C VAL A 238 11.98 -10.59 14.17
N ASN A 239 11.31 -9.44 14.26
CA ASN A 239 10.93 -8.88 15.55
C ASN A 239 10.05 -9.83 16.34
N LEU A 240 9.06 -10.45 15.68
CA LEU A 240 8.20 -11.37 16.43
C LEU A 240 8.98 -12.62 16.86
N TYR A 241 9.86 -13.12 16.00
CA TYR A 241 10.71 -14.26 16.33
C TYR A 241 11.53 -14.02 17.59
N ASN A 242 12.10 -12.81 17.72
CA ASN A 242 12.79 -12.46 18.97
C ASN A 242 11.85 -12.30 20.14
N TRP A 243 10.66 -11.77 19.87
CA TRP A 243 9.70 -11.44 20.91
C TRP A 243 9.04 -12.69 21.50
N ARG A 244 9.25 -13.84 20.84
CA ARG A 244 8.83 -15.12 21.38
C ARG A 244 9.39 -15.30 22.80
N ASP A 245 10.59 -14.76 23.07
CA ASP A 245 11.25 -14.96 24.38
C ASP A 245 10.56 -14.22 25.52
N THR A 246 9.76 -13.20 25.19
CA THR A 246 9.16 -12.35 26.21
C THR A 246 8.46 -13.15 27.31
N LEU A 247 8.90 -12.97 28.55
CA LEU A 247 8.12 -13.36 29.73
C LEU A 247 6.89 -12.48 29.84
N ASN A 248 5.78 -13.06 30.29
CA ASN A 248 4.59 -12.27 30.61
C ASN A 248 4.15 -11.41 29.42
N LYS A 249 4.00 -12.05 28.27
CA LYS A 249 3.68 -11.33 27.05
C LYS A 249 2.47 -10.46 27.24
N THR A 250 1.43 -11.03 27.86
CA THR A 250 0.17 -10.31 28.00
C THR A 250 0.33 -9.07 28.87
N ASP A 251 1.05 -9.20 29.97
CA ASP A 251 1.43 -8.04 30.77
C ASP A 251 2.11 -6.94 29.92
N ASN A 252 3.07 -7.33 29.07
CA ASN A 252 3.84 -6.38 28.25
C ASN A 252 2.96 -5.63 27.28
N LEU A 253 2.06 -6.36 26.64
CA LEU A 253 1.13 -5.77 25.70
C LEU A 253 0.18 -4.77 26.37
N LYS A 254 -0.30 -5.10 27.55
CA LYS A 254 -1.20 -4.20 28.28
C LYS A 254 -0.48 -2.93 28.74
N ILE A 255 0.77 -3.08 29.15
CA ILE A 255 1.61 -1.92 29.45
C ILE A 255 1.79 -1.13 28.15
N GLY A 256 1.92 -1.84 27.03
CA GLY A 256 1.95 -1.23 25.72
C GLY A 256 0.75 -0.31 25.43
N LYS A 257 -0.47 -0.78 25.73
CA LYS A 257 -1.67 0.03 25.52
C LYS A 257 -1.65 1.35 26.32
N ASP A 258 -1.36 1.26 27.62
CA ASP A 258 -1.39 2.44 28.48
C ASP A 258 -0.34 3.45 28.03
N TYR A 259 0.81 2.90 27.63
CA TYR A 259 1.92 3.72 27.18
C TYR A 259 1.51 4.49 25.93
N LEU A 260 1.00 3.75 24.94
CA LEU A 260 0.55 4.32 23.68
C LEU A 260 -0.57 5.33 23.93
N GLU A 261 -1.54 4.95 24.75
CA GLU A 261 -2.62 5.84 25.14
C GLU A 261 -2.12 7.16 25.75
N ASP A 262 -1.16 7.07 26.68
CA ASP A 262 -0.60 8.23 27.35
C ASP A 262 0.22 9.13 26.43
N VAL A 263 0.91 8.52 25.47
CA VAL A 263 1.69 9.27 24.50
C VAL A 263 0.75 10.09 23.61
N ILE A 264 -0.27 9.45 23.07
CA ILE A 264 -1.30 10.13 22.26
C ILE A 264 -2.06 11.23 23.04
N ASN A 265 -2.41 10.94 24.29
CA ASN A 265 -3.01 11.95 25.19
C ASN A 265 -2.06 13.09 25.59
N GLY A 266 -0.77 12.89 25.38
CA GLY A 266 0.22 13.89 25.73
C GLY A 266 0.64 13.82 27.18
N ILE A 267 0.06 12.87 27.93
CA ILE A 267 0.38 12.68 29.35
C ILE A 267 1.80 12.20 29.54
N ASN A 268 2.28 11.35 28.63
CA ASN A 268 3.65 10.88 28.67
C ASN A 268 4.41 11.42 27.47
N GLU A 269 5.56 12.04 27.76
CA GLU A 269 6.39 12.72 26.77
C GLU A 269 7.45 11.82 26.18
N ASP A 270 7.84 10.80 26.92
CA ASP A 270 8.79 9.81 26.41
C ASP A 270 8.15 9.06 25.24
N THR A 271 8.49 9.46 24.02
CA THR A 271 7.97 8.81 22.81
C THR A 271 8.94 7.76 22.24
N SER A 272 9.72 7.13 23.13
CA SER A 272 10.83 6.28 22.74
C SER A 272 10.53 4.79 22.49
N ASN A 273 9.51 4.23 23.15
CA ASN A 273 9.20 2.79 22.98
C ASN A 273 8.40 2.56 21.72
N THR A 274 9.07 2.57 20.58
CA THR A 274 8.36 2.59 19.31
C THR A 274 8.11 1.16 18.82
N GLY A 275 8.65 0.19 19.55
CA GLY A 275 8.72 -1.18 19.06
C GLY A 275 7.56 -2.11 19.40
N THR A 276 7.88 -3.40 19.44
CA THR A 276 6.89 -4.47 19.40
C THR A 276 5.68 -4.27 20.31
N SER A 277 5.89 -4.10 21.61
CA SER A 277 4.76 -3.96 22.53
C SER A 277 3.91 -2.71 22.28
N SER A 278 4.45 -1.73 21.58
CA SER A 278 3.64 -0.59 21.16
C SER A 278 2.90 -0.86 19.85
N VAL A 279 3.55 -1.49 18.87
CA VAL A 279 2.92 -1.56 17.56
C VAL A 279 1.68 -2.46 17.48
N TYR A 280 1.53 -3.36 18.45
CA TYR A 280 0.39 -4.27 18.47
C TYR A 280 -0.70 -3.88 19.47
N ASN A 281 -0.92 -2.58 19.63
CA ASN A 281 -2.00 -2.07 20.46
C ASN A 281 -2.98 -1.14 19.75
N TRP A 282 -2.76 -0.88 18.46
CA TRP A 282 -3.68 0.00 17.71
C TRP A 282 -5.15 -0.40 17.89
N GLN A 283 -5.40 -1.71 17.84
CA GLN A 283 -6.76 -2.26 17.91
C GLN A 283 -7.40 -2.10 19.28
N LYS A 284 -6.59 -1.87 20.31
CA LYS A 284 -7.13 -1.64 21.65
C LYS A 284 -7.62 -0.20 21.83
N LEU A 285 -7.24 0.70 20.92
CA LEU A 285 -7.54 2.12 21.07
C LEU A 285 -8.38 2.68 19.94
N TYR A 286 -8.46 1.95 18.83
CA TYR A 286 -9.12 2.44 17.64
C TYR A 286 -9.66 1.27 16.89
N PRO A 287 -10.66 1.49 16.02
CA PRO A 287 -10.96 0.40 15.08
C PRO A 287 -9.75 0.26 14.18
N ALA A 288 -9.22 -0.96 14.06
CA ALA A 288 -7.95 -1.16 13.37
C ALA A 288 -7.91 -2.53 12.76
N ASN A 289 -7.17 -2.67 11.66
CA ASN A 289 -6.93 -3.98 11.05
C ASN A 289 -5.44 -4.21 10.77
N TYR A 290 -4.91 -5.33 11.29
CA TYR A 290 -3.54 -5.73 10.98
C TYR A 290 -3.51 -6.72 9.81
N HIS A 291 -2.92 -6.30 8.71
CA HIS A 291 -2.82 -7.16 7.54
CA HIS A 291 -2.82 -7.16 7.54
C HIS A 291 -1.45 -7.83 7.49
N PHE A 292 -1.38 -9.04 8.02
CA PHE A 292 -0.11 -9.73 8.17
C PHE A 292 0.34 -10.34 6.85
N LEU A 293 1.59 -10.10 6.48
CA LEU A 293 2.17 -10.81 5.34
C LEU A 293 1.94 -12.32 5.45
N ARG A 294 2.11 -12.86 6.65
CA ARG A 294 1.81 -14.26 6.89
C ARG A 294 1.16 -14.39 8.26
N LYS A 295 -0.17 -14.26 8.27
CA LYS A 295 -0.96 -14.40 9.47
C LYS A 295 -0.69 -15.70 10.23
N ASP A 296 -0.42 -16.78 9.50
CA ASP A 296 -0.28 -18.09 10.10
C ASP A 296 0.95 -18.19 11.00
N TYR A 297 1.85 -17.22 10.91
CA TYR A 297 2.98 -17.19 11.81
C TYR A 297 2.56 -17.10 13.28
N LEU A 298 1.49 -16.35 13.56
CA LEU A 298 1.02 -16.27 14.96
C LEU A 298 0.40 -17.57 15.50
N THR A 299 0.24 -18.58 14.65
CA THR A 299 -0.35 -19.86 15.02
C THR A 299 0.72 -20.94 14.95
N LEU A 300 1.49 -20.93 13.86
CA LEU A 300 2.67 -21.80 13.71
C LEU A 300 3.63 -21.74 14.90
N GLU A 301 3.85 -20.55 15.48
CA GLU A 301 4.62 -20.40 16.72
C GLU A 301 3.73 -20.44 17.96
N PRO A 302 3.72 -21.58 18.67
CA PRO A 302 2.84 -21.65 19.86
C PRO A 302 3.03 -20.48 20.83
N SER A 303 4.26 -20.01 21.01
CA SER A 303 4.51 -18.95 21.99
C SER A 303 3.87 -17.60 21.62
N LEU A 304 3.51 -17.44 20.35
CA LEU A 304 2.82 -16.22 19.90
C LEU A 304 1.28 -16.30 19.89
N HIS A 305 0.72 -17.43 20.32
CA HIS A 305 -0.74 -17.57 20.47
C HIS A 305 -1.30 -16.44 21.35
N GLU A 306 -0.59 -16.09 22.43
CA GLU A 306 -0.99 -14.94 23.28
C GLU A 306 -1.16 -13.66 22.44
N LEU A 307 -0.20 -13.37 21.56
CA LEU A 307 -0.28 -12.18 20.72
C LEU A 307 -1.43 -12.29 19.73
N ARG A 308 -1.56 -13.47 19.12
CA ARG A 308 -2.69 -13.77 18.25
C ARG A 308 -4.04 -13.52 18.96
N ASP A 309 -4.19 -14.02 20.20
CA ASP A 309 -5.36 -13.72 21.05
C ASP A 309 -5.56 -12.23 21.20
N TYR A 310 -4.45 -11.54 21.49
CA TYR A 310 -4.49 -10.13 21.83
C TYR A 310 -4.92 -9.24 20.67
N ILE A 311 -4.45 -9.56 19.46
CA ILE A 311 -4.89 -8.84 18.27
C ILE A 311 -6.35 -9.22 17.92
N GLY A 312 -6.76 -10.44 18.31
CA GLY A 312 -8.15 -10.91 18.17
C GLY A 312 -8.67 -10.74 16.77
N ASP A 313 -9.90 -10.24 16.64
CA ASP A 313 -10.51 -10.15 15.31
C ASP A 313 -10.05 -8.93 14.50
N SER A 314 -8.92 -8.32 14.88
CA SER A 314 -8.25 -7.33 14.04
C SER A 314 -7.10 -7.98 13.27
N LEU A 315 -6.90 -9.28 13.47
CA LEU A 315 -5.82 -9.99 12.79
C LEU A 315 -6.31 -10.48 11.42
N LYS A 316 -5.73 -9.91 10.36
CA LYS A 316 -6.11 -10.25 8.97
C LYS A 316 -4.92 -10.81 8.20
N GLN A 317 -5.20 -11.60 7.17
CA GLN A 317 -4.17 -12.03 6.24
C GLN A 317 -4.13 -11.02 5.10
N MET A 318 -2.94 -10.51 4.80
CA MET A 318 -2.74 -9.66 3.61
C MET A 318 -3.31 -10.37 2.35
N GLN A 319 -4.07 -9.63 1.54
CA GLN A 319 -4.76 -10.19 0.38
C GLN A 319 -4.00 -9.88 -0.91
N TRP A 320 -4.07 -10.79 -1.90
CA TRP A 320 -3.44 -10.60 -3.23
C TRP A 320 -4.41 -10.69 -4.39
N ASP A 321 -5.67 -10.34 -4.13
CA ASP A 321 -6.70 -10.42 -5.14
C ASP A 321 -7.22 -9.02 -5.48
N GLY A 322 -6.54 -8.00 -5.00
CA GLY A 322 -6.91 -6.61 -5.25
C GLY A 322 -6.89 -6.28 -6.73
N PHE A 323 -5.85 -6.77 -7.40
CA PHE A 323 -5.68 -6.48 -8.80
C PHE A 323 -6.77 -7.18 -9.60
N LYS A 324 -7.02 -8.45 -9.29
CA LYS A 324 -8.03 -9.25 -9.99
C LYS A 324 -9.41 -8.65 -9.79
N LYS A 325 -9.64 -7.99 -8.65
CA LYS A 325 -10.94 -7.44 -8.35
C LYS A 325 -11.16 -6.05 -8.95
N PHE A 326 -10.10 -5.43 -9.45
CA PHE A 326 -10.17 -4.15 -10.14
C PHE A 326 -10.90 -4.33 -11.48
N ASN A 327 -11.65 -3.32 -11.90
CA ASN A 327 -12.15 -3.28 -13.26
C ASN A 327 -10.99 -2.92 -14.20
N SER A 328 -11.21 -2.97 -15.51
CA SER A 328 -10.07 -2.90 -16.42
C SER A 328 -9.40 -1.52 -16.46
N LYS A 329 -10.18 -0.46 -16.22
CA LYS A 329 -9.61 0.87 -16.16
C LYS A 329 -8.71 0.99 -14.92
N GLN A 330 -9.20 0.50 -13.79
CA GLN A 330 -8.43 0.40 -12.55
C GLN A 330 -7.12 -0.42 -12.72
N GLN A 331 -7.20 -1.56 -13.38
CA GLN A 331 -6.01 -2.36 -13.62
C GLN A 331 -4.94 -1.58 -14.42
N GLU A 332 -5.38 -0.81 -15.42
CA GLU A 332 -4.46 -0.01 -16.21
C GLU A 332 -3.85 1.11 -15.39
N LEU A 333 -4.67 1.77 -14.59
CA LEU A 333 -4.18 2.87 -13.78
C LEU A 333 -3.15 2.34 -12.77
N PHE A 334 -3.45 1.18 -12.18
CA PHE A 334 -2.55 0.50 -11.26
C PHE A 334 -1.18 0.19 -11.90
N LEU A 335 -1.18 -0.49 -13.05
CA LEU A 335 0.09 -0.91 -13.68
C LEU A 335 0.92 0.31 -14.06
N SER A 336 0.20 1.33 -14.44
CA SER A 336 0.77 2.57 -14.85
C SER A 336 1.42 3.27 -13.64
N ILE A 337 0.75 3.27 -12.50
CA ILE A 337 1.34 3.86 -11.30
C ILE A 337 2.56 3.08 -10.77
N VAL A 338 2.52 1.74 -10.81
CA VAL A 338 3.68 0.94 -10.43
C VAL A 338 4.77 0.85 -11.54
N ASN A 339 4.50 1.45 -12.71
CA ASN A 339 5.39 1.39 -13.89
C ASN A 339 5.71 0.00 -14.44
N PHE A 340 4.71 -0.87 -14.39
CA PHE A 340 4.83 -2.17 -15.02
C PHE A 340 4.24 -2.20 -16.44
N ASP A 341 5.12 -2.32 -17.41
CA ASP A 341 4.68 -2.53 -18.78
C ASP A 341 4.63 -4.04 -19.06
N LYS A 342 3.44 -4.60 -18.89
CA LYS A 342 3.22 -6.02 -18.99
C LYS A 342 3.48 -6.58 -20.37
N GLN A 343 2.94 -5.91 -21.40
CA GLN A 343 3.06 -6.37 -22.78
C GLN A 343 4.56 -6.45 -23.20
N LYS A 344 5.36 -5.51 -22.69
CA LYS A 344 6.78 -5.46 -23.00
C LYS A 344 7.52 -6.67 -22.40
N LEU A 345 7.23 -7.01 -21.14
CA LEU A 345 7.76 -8.23 -20.53
C LEU A 345 7.24 -9.45 -21.29
N GLN A 346 5.94 -9.48 -21.56
CA GLN A 346 5.40 -10.60 -22.32
C GLN A 346 6.12 -10.78 -23.65
N ASN A 347 6.37 -9.66 -24.37
CA ASN A 347 7.17 -9.72 -25.61
C ASN A 347 8.52 -10.33 -25.33
N GLU A 348 9.18 -9.88 -24.26
CA GLU A 348 10.52 -10.39 -23.93
C GLU A 348 10.54 -11.88 -23.59
N TYR A 349 9.54 -12.34 -22.83
CA TYR A 349 9.35 -13.77 -22.60
C TYR A 349 9.24 -14.62 -23.89
N ASN A 350 8.94 -13.98 -25.04
CA ASN A 350 8.20 -14.64 -26.14
C ASN A 350 8.67 -15.33 -27.42
N SER A 351 9.78 -15.09 -28.14
CA SER A 351 10.86 -14.11 -28.14
C SER A 351 12.09 -15.01 -28.26
N SER A 352 12.30 -15.82 -27.22
CA SER A 352 13.24 -16.92 -27.29
C SER A 352 12.54 -18.26 -27.04
N ASN A 353 13.08 -19.32 -27.64
CA ASN A 353 12.66 -20.70 -27.29
C ASN A 353 12.82 -21.06 -25.82
N LEU A 354 13.83 -20.47 -25.17
CA LEU A 354 14.25 -20.89 -23.83
C LEU A 354 13.20 -20.52 -22.78
N PRO A 355 13.03 -21.38 -21.75
CA PRO A 355 12.18 -21.03 -20.62
C PRO A 355 12.80 -19.81 -19.94
N ASN A 356 12.03 -19.05 -19.17
CA ASN A 356 12.54 -17.82 -18.58
C ASN A 356 12.80 -17.90 -17.09
N PHE A 357 13.93 -17.33 -16.69
CA PHE A 357 14.41 -17.38 -15.32
C PHE A 357 14.50 -15.96 -14.81
N VAL A 358 13.89 -15.69 -13.65
CA VAL A 358 14.05 -14.40 -13.00
C VAL A 358 14.88 -14.58 -11.75
N PHE A 359 15.99 -13.87 -11.66
CA PHE A 359 16.73 -13.82 -10.43
C PHE A 359 16.24 -12.63 -9.64
N THR A 360 15.88 -12.85 -8.37
CA THR A 360 15.44 -11.75 -7.50
C THR A 360 16.56 -11.31 -6.58
N GLY A 361 16.87 -10.01 -6.58
CA GLY A 361 18.03 -9.52 -5.82
C GLY A 361 17.67 -9.00 -4.43
N THR A 362 18.67 -8.56 -3.69
CA THR A 362 18.46 -7.94 -2.40
C THR A 362 19.25 -6.63 -2.26
N THR A 363 19.10 -5.97 -1.12
CA THR A 363 19.91 -4.80 -0.85
C THR A 363 20.38 -4.84 0.58
N VAL A 364 21.33 -3.98 0.96
CA VAL A 364 21.72 -3.84 2.36
C VAL A 364 21.13 -2.57 2.93
N TRP A 365 20.43 -2.69 4.06
CA TRP A 365 20.03 -1.50 4.82
C TRP A 365 21.14 -1.12 5.84
N ALA A 366 21.32 0.17 6.07
CA ALA A 366 22.30 0.65 7.06
C ALA A 366 23.68 -0.03 6.91
N GLY A 367 24.12 -0.22 5.67
CA GLY A 367 25.41 -0.85 5.41
C GLY A 367 25.98 -0.52 4.04
N ASN A 368 25.95 0.74 3.64
CA ASN A 368 26.55 1.15 2.37
C ASN A 368 27.95 0.61 2.07
N HIS A 369 28.78 0.47 3.12
CA HIS A 369 30.11 -0.12 2.97
C HIS A 369 30.06 -1.59 2.45
N GLU A 370 28.88 -2.21 2.51
CA GLU A 370 28.70 -3.60 2.13
C GLU A 370 28.20 -3.83 0.69
N ARG A 371 27.82 -2.79 -0.04
CA ARG A 371 27.04 -3.05 -1.23
CA ARG A 371 27.04 -3.05 -1.24
C ARG A 371 27.81 -3.55 -2.47
N GLU A 372 29.12 -3.31 -2.52
CA GLU A 372 29.88 -3.89 -3.62
C GLU A 372 30.03 -5.38 -3.41
N TYR A 373 30.15 -5.75 -2.14
CA TYR A 373 30.28 -7.15 -1.74
C TYR A 373 28.95 -7.86 -2.03
N TYR A 374 27.85 -7.15 -1.77
CA TYR A 374 26.51 -7.62 -2.10
C TYR A 374 26.35 -7.84 -3.60
N ALA A 375 26.90 -6.94 -4.41
CA ALA A 375 26.79 -7.11 -5.84
C ALA A 375 27.57 -8.34 -6.27
N LYS A 376 28.80 -8.46 -5.77
CA LYS A 376 29.69 -9.53 -6.20
C LYS A 376 29.12 -10.90 -5.80
N GLN A 377 28.54 -10.98 -4.62
CA GLN A 377 27.89 -12.22 -4.17
C GLN A 377 26.65 -12.63 -4.99
N GLN A 378 25.80 -11.67 -5.34
CA GLN A 378 24.62 -11.97 -6.12
C GLN A 378 24.97 -12.41 -7.54
N ILE A 379 26.01 -11.80 -8.10
CA ILE A 379 26.58 -12.23 -9.36
C ILE A 379 27.00 -13.71 -9.23
N ASN A 380 27.62 -14.04 -8.11
CA ASN A 380 28.00 -15.40 -7.89
C ASN A 380 26.79 -16.35 -7.77
N VAL A 381 25.70 -15.86 -7.17
CA VAL A 381 24.49 -16.67 -7.06
C VAL A 381 23.85 -16.89 -8.43
N ILE A 382 23.73 -15.82 -9.23
CA ILE A 382 23.24 -15.96 -10.61
C ILE A 382 24.10 -17.01 -11.36
N ASN A 383 25.42 -16.92 -11.18
CA ASN A 383 26.33 -17.84 -11.86
C ASN A 383 26.12 -19.29 -11.49
N ASN A 384 25.84 -19.52 -10.22
CA ASN A 384 25.53 -20.86 -9.76
C ASN A 384 24.33 -21.47 -10.49
N ALA A 385 23.32 -20.64 -10.73
CA ALA A 385 22.08 -21.03 -11.43
C ALA A 385 22.23 -21.34 -12.92
N ILE A 386 23.11 -20.58 -13.62
CA ILE A 386 23.21 -20.65 -15.08
C ILE A 386 24.49 -21.34 -15.57
N ASN A 387 25.32 -21.80 -14.63
CA ASN A 387 26.57 -22.49 -14.96
C ASN A 387 26.46 -24.01 -14.69
N GLU A 388 26.72 -24.82 -15.71
CA GLU A 388 26.59 -26.27 -15.59
C GLU A 388 27.50 -26.91 -14.55
N SER A 389 28.62 -26.26 -14.26
CA SER A 389 29.60 -26.79 -13.33
C SER A 389 29.20 -26.58 -11.86
N SER A 390 27.97 -26.11 -11.63
CA SER A 390 27.43 -26.00 -10.27
C SER A 390 26.30 -26.98 -9.96
N PRO A 391 26.26 -27.49 -8.71
CA PRO A 391 25.10 -28.29 -8.31
C PRO A 391 23.77 -27.50 -8.28
N HIS A 392 23.84 -26.17 -8.22
CA HIS A 392 22.61 -25.35 -8.22
C HIS A 392 22.09 -24.97 -9.61
N TYR A 393 22.77 -25.46 -10.62
CA TYR A 393 22.39 -25.29 -12.00
C TYR A 393 20.90 -25.53 -12.15
N LEU A 394 20.21 -24.64 -12.85
CA LEU A 394 18.77 -24.82 -13.04
C LEU A 394 18.38 -26.13 -13.74
N GLY A 395 19.29 -26.67 -14.58
CA GLY A 395 19.09 -27.95 -15.27
C GLY A 395 18.92 -27.83 -16.78
N ASN A 396 18.84 -26.59 -17.27
CA ASN A 396 18.56 -26.28 -18.68
C ASN A 396 19.00 -24.85 -18.94
N SER A 397 19.20 -24.49 -20.20
CA SER A 397 19.44 -23.08 -20.53
C SER A 397 18.15 -22.25 -20.45
N TYR A 398 18.27 -21.06 -19.87
CA TYR A 398 17.15 -20.14 -19.66
C TYR A 398 17.51 -18.78 -20.21
N ASP A 399 16.50 -18.02 -20.61
CA ASP A 399 16.67 -16.59 -20.77
C ASP A 399 16.71 -15.97 -19.37
N LEU A 400 17.71 -15.12 -19.18
CA LEU A 400 18.04 -14.55 -17.90
C LEU A 400 17.32 -13.21 -17.71
N PHE A 401 16.58 -13.09 -16.60
CA PHE A 401 15.84 -11.88 -16.20
C PHE A 401 16.22 -11.46 -14.79
N PHE A 402 16.19 -10.15 -14.54
CA PHE A 402 16.59 -9.62 -13.24
C PHE A 402 15.55 -8.73 -12.61
N LYS A 403 15.33 -8.92 -11.32
CA LYS A 403 14.49 -8.07 -10.47
C LYS A 403 15.31 -7.95 -9.17
N GLY A 404 16.23 -6.99 -8.95
CA GLY A 404 16.03 -5.56 -8.69
C GLY A 404 15.11 -5.70 -7.49
N HIS A 405 15.57 -5.91 -6.24
CA HIS A 405 15.49 -4.91 -5.15
C HIS A 405 15.25 -3.41 -5.39
N PRO A 406 14.04 -2.95 -5.04
CA PRO A 406 13.64 -1.54 -5.21
C PRO A 406 14.67 -0.56 -4.62
N GLY A 407 15.25 -0.93 -3.47
CA GLY A 407 16.29 -0.13 -2.84
C GLY A 407 17.72 -0.57 -3.13
N GLY A 408 17.93 -1.26 -4.25
CA GLY A 408 19.25 -1.84 -4.54
C GLY A 408 20.29 -0.83 -4.99
N GLY A 409 19.85 0.24 -5.63
CA GLY A 409 20.72 1.33 -6.04
C GLY A 409 21.88 0.80 -6.85
N ILE A 410 23.08 1.09 -6.37
CA ILE A 410 24.29 0.77 -7.10
C ILE A 410 24.51 -0.74 -7.20
N ILE A 411 23.85 -1.52 -6.34
CA ILE A 411 23.92 -2.99 -6.40
C ILE A 411 23.31 -3.50 -7.68
N ASN A 412 22.14 -2.95 -8.01
CA ASN A 412 21.44 -3.29 -9.22
C ASN A 412 22.22 -2.94 -10.48
N THR A 413 22.85 -1.77 -10.52
CA THR A 413 23.58 -1.43 -11.73
C THR A 413 24.82 -2.34 -11.92
N LEU A 414 25.53 -2.63 -10.84
CA LEU A 414 26.68 -3.55 -10.88
C LEU A 414 26.31 -4.94 -11.39
N ILE A 415 25.19 -5.49 -10.89
CA ILE A 415 24.70 -6.81 -11.31
C ILE A 415 24.31 -6.74 -12.79
N MET A 416 23.68 -5.65 -13.16
CA MET A 416 23.14 -5.48 -14.48
C MET A 416 24.23 -5.41 -15.54
N GLN A 417 25.32 -4.68 -15.27
CA GLN A 417 26.37 -4.56 -16.29
C GLN A 417 27.28 -5.78 -16.38
N ASN A 418 27.10 -6.72 -15.45
CA ASN A 418 27.77 -7.99 -15.57
C ASN A 418 27.18 -8.93 -16.63
N TYR A 419 25.94 -8.64 -17.07
CA TYR A 419 25.20 -9.54 -17.98
C TYR A 419 24.57 -8.83 -19.17
N PRO A 420 25.26 -8.83 -20.32
CA PRO A 420 24.88 -8.17 -21.59
C PRO A 420 23.43 -8.05 -22.12
N SER A 421 22.60 -9.03 -22.54
CA SER A 421 22.31 -10.41 -22.14
C SER A 421 21.05 -10.42 -21.20
N MET A 422 21.19 -9.84 -20.00
CA MET A 422 20.09 -9.85 -19.03
C MET A 422 19.00 -8.82 -19.35
N VAL A 423 17.76 -9.17 -19.04
CA VAL A 423 16.63 -8.25 -19.11
C VAL A 423 16.16 -7.81 -17.70
N ASP A 424 16.15 -6.49 -17.47
CA ASP A 424 15.56 -5.81 -16.29
C ASP A 424 14.07 -5.78 -16.69
N ILE A 425 13.11 -6.41 -15.98
CA ILE A 425 12.38 -6.03 -14.76
C ILE A 425 12.68 -4.83 -13.86
N PRO A 426 12.19 -3.63 -14.24
CA PRO A 426 12.52 -2.46 -13.44
C PRO A 426 12.37 -2.74 -11.96
N SER A 427 13.45 -2.47 -11.25
CA SER A 427 13.56 -2.81 -9.85
C SER A 427 12.46 -2.17 -8.99
N LYS A 428 11.89 -1.07 -9.46
CA LYS A 428 10.86 -0.36 -8.69
C LYS A 428 9.53 -1.11 -8.60
N ILE A 429 9.37 -2.11 -9.46
CA ILE A 429 8.12 -2.85 -9.55
C ILE A 429 8.12 -3.95 -8.47
N SER A 430 7.22 -3.85 -7.48
CA SER A 430 7.10 -4.96 -6.51
C SER A 430 6.87 -6.27 -7.24
N PHE A 431 7.61 -7.31 -6.86
CA PHE A 431 7.55 -8.55 -7.58
C PHE A 431 6.16 -9.16 -7.51
N GLU A 432 5.44 -8.88 -6.43
CA GLU A 432 4.13 -9.50 -6.37
C GLU A 432 3.13 -8.97 -7.42
N VAL A 433 3.43 -7.84 -8.05
CA VAL A 433 2.57 -7.45 -9.15
C VAL A 433 2.72 -8.41 -10.33
N LEU A 434 3.91 -9.01 -10.48
CA LEU A 434 4.05 -10.05 -11.51
C LEU A 434 3.23 -11.27 -11.17
N MET A 435 3.13 -11.59 -9.88
CA MET A 435 2.23 -12.67 -9.46
C MET A 435 0.78 -12.33 -9.78
N MET A 436 0.35 -11.13 -9.42
CA MET A 436 -1.04 -10.69 -9.58
C MET A 436 -1.44 -10.54 -11.04
N THR A 437 -0.47 -10.25 -11.90
CA THR A 437 -0.75 -10.10 -13.32
C THR A 437 -0.51 -11.40 -14.11
N ASP A 438 -0.21 -12.50 -13.39
CA ASP A 438 0.06 -13.80 -14.01
C ASP A 438 1.25 -13.70 -14.99
N MET A 439 2.32 -13.09 -14.52
CA MET A 439 3.52 -12.79 -15.32
C MET A 439 4.74 -13.39 -14.64
N LEU A 440 4.51 -14.43 -13.84
CA LEU A 440 5.60 -15.20 -13.30
C LEU A 440 6.31 -15.97 -14.43
N PRO A 441 7.64 -16.02 -14.38
CA PRO A 441 8.45 -16.74 -15.35
C PRO A 441 8.34 -18.24 -15.06
N ASP A 442 9.06 -19.07 -15.81
CA ASP A 442 9.12 -20.51 -15.50
C ASP A 442 9.92 -20.83 -14.24
N ALA A 443 10.95 -20.05 -13.96
CA ALA A 443 11.75 -20.32 -12.76
C ALA A 443 12.12 -19.02 -12.08
N VAL A 444 12.00 -19.04 -10.76
CA VAL A 444 12.47 -17.93 -9.95
C VAL A 444 13.36 -18.42 -8.83
N ALA A 445 14.50 -17.76 -8.69
CA ALA A 445 15.44 -18.00 -7.60
C ALA A 445 16.05 -16.66 -7.19
N GLY A 446 16.68 -16.62 -6.02
CA GLY A 446 17.25 -15.38 -5.56
C GLY A 446 17.51 -15.34 -4.08
N ILE A 447 17.67 -14.12 -3.58
CA ILE A 447 18.04 -13.92 -2.21
C ILE A 447 16.80 -13.87 -1.33
N ALA A 448 16.92 -14.44 -0.14
CA ALA A 448 15.87 -14.41 0.87
C ALA A 448 15.25 -13.02 0.94
N SER A 449 13.92 -12.99 0.91
CA SER A 449 13.19 -11.76 0.76
C SER A 449 11.76 -11.99 1.17
N SER A 450 11.08 -10.91 1.56
CA SER A 450 9.66 -10.94 1.83
C SER A 450 8.85 -11.49 0.64
N LEU A 451 9.38 -11.34 -0.56
CA LEU A 451 8.64 -11.76 -1.73
C LEU A 451 8.39 -13.28 -1.68
N TYR A 452 9.33 -14.02 -1.11
CA TYR A 452 9.19 -15.48 -0.92
C TYR A 452 8.21 -15.89 0.17
N PHE A 453 7.72 -14.91 0.95
CA PHE A 453 6.67 -15.22 1.91
C PHE A 453 5.34 -15.46 1.16
N THR A 454 5.27 -15.01 -0.09
CA THR A 454 4.01 -14.97 -0.84
C THR A 454 4.00 -15.79 -2.14
N ILE A 455 5.07 -15.72 -2.92
CA ILE A 455 5.20 -16.42 -4.20
C ILE A 455 5.01 -17.92 -4.01
N PRO A 456 4.16 -18.55 -4.86
CA PRO A 456 3.90 -20.00 -4.81
C PRO A 456 5.18 -20.85 -4.87
N ALA A 457 5.24 -21.84 -3.98
CA ALA A 457 6.37 -22.74 -3.86
C ALA A 457 6.82 -23.32 -5.19
N GLU A 458 5.87 -23.65 -6.06
CA GLU A 458 6.20 -24.39 -7.29
C GLU A 458 7.08 -23.59 -8.24
N LYS A 459 7.04 -22.27 -8.16
CA LYS A 459 7.88 -21.43 -9.00
C LYS A 459 9.33 -21.31 -8.53
N ILE A 460 9.54 -21.47 -7.22
CA ILE A 460 10.85 -21.29 -6.58
C ILE A 460 11.83 -22.43 -6.84
N LYS A 461 12.98 -22.12 -7.46
CA LYS A 461 14.04 -23.11 -7.64
C LYS A 461 14.99 -23.18 -6.46
N PHE A 462 15.42 -22.04 -5.92
CA PHE A 462 16.20 -22.03 -4.68
C PHE A 462 16.24 -20.63 -4.09
N ILE A 463 16.45 -20.58 -2.78
CA ILE A 463 16.59 -19.32 -2.08
C ILE A 463 17.96 -19.29 -1.43
N VAL A 464 18.61 -18.14 -1.42
CA VAL A 464 19.92 -18.09 -0.81
C VAL A 464 19.92 -16.98 0.21
N PHE A 465 20.45 -17.27 1.39
CA PHE A 465 20.56 -16.28 2.45
C PHE A 465 21.93 -15.64 2.44
N THR A 466 21.95 -14.44 2.98
CA THR A 466 23.08 -13.57 3.18
C THR A 466 24.21 -14.11 4.10
N SER A 467 25.45 -13.78 3.78
CA SER A 467 26.60 -14.08 4.62
C SER A 467 27.42 -12.81 4.70
N THR A 468 28.17 -12.64 5.78
CA THR A 468 29.09 -11.48 5.87
C THR A 468 30.44 -11.96 5.36
N GLU A 469 31.42 -11.05 5.26
CA GLU A 469 32.78 -11.45 4.86
C GLU A 469 33.53 -12.17 6.00
N THR A 470 32.81 -12.43 7.08
CA THR A 470 33.41 -12.96 8.29
C THR A 470 33.09 -14.46 8.49
N ILE A 471 31.86 -14.76 8.94
CA ILE A 471 31.57 -16.00 9.68
C ILE A 471 32.66 -17.07 9.51
N THR A 472 32.61 -17.98 8.52
CA THR A 472 31.51 -18.25 7.58
C THR A 472 30.57 -19.31 8.22
N ASP A 473 31.01 -19.81 9.39
CA ASP A 473 30.40 -20.89 10.18
C ASP A 473 28.87 -21.16 10.07
N ARG A 474 28.48 -22.41 9.89
CA ARG A 474 27.10 -22.74 9.50
C ARG A 474 26.08 -22.88 10.64
N GLU A 475 26.52 -23.46 11.75
CA GLU A 475 25.63 -23.77 12.86
C GLU A 475 24.87 -22.56 13.39
N THR A 476 25.59 -21.47 13.61
CA THR A 476 25.02 -20.26 14.17
C THR A 476 24.52 -19.32 13.10
N ALA A 477 24.92 -19.58 11.85
CA ALA A 477 24.40 -18.87 10.71
C ALA A 477 22.92 -19.21 10.58
N LEU A 478 22.59 -20.46 10.90
CA LEU A 478 21.21 -20.97 10.82
C LEU A 478 20.36 -20.37 11.92
N ARG A 479 21.03 -19.82 12.92
CA ARG A 479 20.36 -19.21 14.05
C ARG A 479 19.71 -17.89 13.69
N SER A 480 20.11 -17.30 12.57
CA SER A 480 19.57 -16.02 12.12
C SER A 480 18.04 -16.06 12.06
N PRO A 481 17.37 -15.08 12.68
CA PRO A 481 15.91 -15.04 12.78
C PRO A 481 15.20 -15.19 11.45
N LEU A 482 15.71 -14.50 10.44
CA LEU A 482 15.08 -14.57 9.15
C LEU A 482 15.08 -16.03 8.68
N VAL A 483 16.20 -16.72 8.89
CA VAL A 483 16.29 -18.13 8.50
C VAL A 483 15.24 -18.96 9.24
N GLN A 484 15.17 -18.77 10.55
CA GLN A 484 14.21 -19.50 11.38
C GLN A 484 12.74 -19.14 11.09
N VAL A 485 12.45 -17.87 10.79
CA VAL A 485 11.10 -17.52 10.28
C VAL A 485 10.68 -18.52 9.18
N MET A 486 11.51 -18.85 8.21
CA MET A 486 11.19 -18.77 6.80
C MET A 486 11.11 -20.32 6.73
N ILE A 487 11.94 -20.97 7.57
CA ILE A 487 11.79 -22.38 7.88
C ILE A 487 10.43 -22.66 8.52
N LYS A 488 10.08 -21.95 9.59
CA LYS A 488 8.80 -22.16 10.27
C LYS A 488 7.60 -22.01 9.35
N LEU A 489 7.70 -21.05 8.43
CA LEU A 489 6.65 -20.80 7.46
C LEU A 489 6.61 -21.85 6.33
N GLY A 490 7.54 -22.80 6.35
CA GLY A 490 7.59 -23.84 5.34
C GLY A 490 8.08 -23.35 4.00
N ILE A 491 8.77 -22.22 3.98
CA ILE A 491 9.28 -21.69 2.73
C ILE A 491 10.52 -22.45 2.32
N VAL A 492 11.28 -22.85 3.31
CA VAL A 492 12.55 -23.45 3.09
C VAL A 492 12.68 -24.52 4.16
N LYS A 493 13.48 -25.54 3.89
CA LYS A 493 13.74 -26.61 4.87
C LYS A 493 15.14 -26.43 5.44
N GLU A 494 15.30 -26.62 6.74
CA GLU A 494 16.59 -26.35 7.39
C GLU A 494 17.77 -27.06 6.71
N GLU A 495 17.63 -28.36 6.47
CA GLU A 495 18.73 -29.12 5.90
C GLU A 495 19.15 -28.63 4.49
N ASN A 496 18.29 -27.82 3.85
CA ASN A 496 18.60 -27.27 2.54
C ASN A 496 18.88 -25.76 2.47
N VAL A 497 18.88 -25.07 3.60
CA VAL A 497 19.15 -23.64 3.63
C VAL A 497 20.51 -23.41 3.00
N LEU A 498 20.63 -22.40 2.13
CA LEU A 498 21.91 -22.05 1.55
C LEU A 498 22.35 -20.67 2.01
N PHE A 499 23.64 -20.47 2.27
CA PHE A 499 24.13 -19.13 2.56
C PHE A 499 25.10 -18.82 1.46
N TRP A 500 25.23 -17.56 1.04
CA TRP A 500 26.18 -17.10 0.02
CA TRP A 500 26.05 -17.39 -0.14
C TRP A 500 27.51 -17.81 0.05
N ALA A 501 27.87 -18.40 1.19
N ALA A 501 27.94 -17.84 1.32
CA ALA A 501 29.31 -18.58 1.43
CA ALA A 501 29.12 -18.54 1.80
C ALA A 501 30.13 -19.90 1.61
C ALA A 501 30.18 -18.79 0.75
N ASP A 502 29.62 -21.13 1.82
N ASP A 502 30.43 -20.07 0.46
CA ASP A 502 28.39 -21.86 1.37
CA ASP A 502 29.68 -21.22 0.99
C ASP A 502 28.25 -22.24 -0.10
C ASP A 502 29.08 -22.00 -0.18
N LEU A 503 28.32 -21.29 -1.02
CA LEU A 503 28.12 -21.67 -2.41
C LEU A 503 29.48 -21.76 -3.11
N PRO A 504 29.58 -22.59 -4.17
CA PRO A 504 30.81 -22.67 -4.93
C PRO A 504 31.11 -21.34 -5.57
N ASN A 505 32.40 -21.03 -5.74
CA ASN A 505 32.81 -19.82 -6.40
C ASN A 505 32.88 -19.99 -7.94
N CYS A 506 31.95 -19.35 -8.64
CA CYS A 506 31.86 -19.47 -10.07
C CYS A 506 32.54 -18.34 -10.82
N GLU A 507 33.32 -17.52 -10.13
CA GLU A 507 33.78 -16.27 -10.74
C GLU A 507 34.70 -16.47 -11.94
N THR A 508 35.51 -17.54 -11.90
CA THR A 508 36.46 -17.84 -13.00
C THR A 508 35.77 -18.44 -14.20
N GLY A 509 34.49 -18.77 -14.12
CA GLY A 509 33.83 -19.48 -15.18
C GLY A 509 33.67 -20.96 -14.88
N VAL A 510 34.45 -21.46 -13.93
CA VAL A 510 34.21 -22.80 -13.41
C VAL A 510 33.79 -22.67 -11.95
N CYS A 511 32.77 -23.42 -11.55
CA CYS A 511 32.28 -23.38 -10.18
C CYS A 511 33.12 -24.27 -9.24
N ILE A 512 33.94 -23.64 -8.42
CA ILE A 512 34.86 -24.33 -7.53
C ILE A 512 34.34 -24.36 -6.10
N ALA A 513 34.25 -25.55 -5.49
CA ALA A 513 33.74 -25.69 -4.14
C ALA A 513 34.59 -24.91 -3.13
N VAL A 514 33.96 -24.59 -1.99
CA VAL A 514 34.63 -23.89 -0.88
C VAL A 514 35.45 -24.87 -0.03
#